data_5YTG
#
_entry.id   5YTG
#
_cell.length_a   109.063
_cell.length_b   109.063
_cell.length_c   90.935
_cell.angle_alpha   90.00
_cell.angle_beta   90.00
_cell.angle_gamma   120.00
#
_symmetry.space_group_name_H-M   'P 31 2 1'
#
loop_
_entity.id
_entity.type
_entity.pdbx_description
1 polymer 'DNA polymerase I, thermostable'
2 polymer "DNA (5'-D(*GP*AP*CP*CP*AP*CP*GP*GP*CP*GP*CP*(DOC))-3')"
3 polymer "DNA (5'-D(*AP*AP*AP*CP*GP*GP*CP*GP*CP*CP*GP*(94O)P*GP*GP*TP*C)-3')"
4 non-polymer "2'-DEOXYGUANOSINE-5'-TRIPHOSPHATE"
5 non-polymer 'MAGNESIUM ION'
6 non-polymer GLYCEROL
7 water water
#
loop_
_entity_poly.entity_id
_entity_poly.type
_entity_poly.pdbx_seq_one_letter_code
_entity_poly.pdbx_strand_id
1 'polypeptide(L)'
;LEEAPWPPPEGAFVGFVLSRKEPMWADLLALAAARGGRVHRAPEPYKALRDLKEARGLLAKDLSVLALREGLGLPPGDDP
MLLAYLLDPSNTTPEGVARRYGGEWTEEAGERAALSERLFANLWGRLEGEERLLWLYREVERPLSAVLAHMEATGVRLDV
AYLRALSLEVAEEIARLEAEVFRLAGHPFNLNSRDQLERVLFDELGLPAIGKTEKTGKRSTSAAVLEALREAHPIVEKIL
QYRELTKLKSTYIDPLPDLIHPRTGRLHTRFNQTATATGRLSSSDPNLQNIPVRTPLGQRIRRAFIAEEGWLLVALDYSQ
IELRVLAHLSGDENLIRVFQEGRDIHTETASWMFGVPREAVDPLMRRAAKTINFGVLYGMSAHRLSQELAIPYEEAQAFI
ERYFQSFPKVRAWIEKTLEEGRRRGYVETLFGRRRYVPDLEARVKSVREAAERMAFNMPVQGTAADLMKLAMVKLFPRLE
EMGARMLLQVHDELVLEAPKERAEAVARLAKEVMEGVYPLAVPLEVEVGIGEDWLSAKE
;
A
2 'polydeoxyribonucleotide' (DG)(DA)(DC)(DC)(DA)(DC)(DG)(DG)(DC)(DG)(DC)(DOC) B
3 'polydeoxyribonucleotide' (DA)(DA)(DA)(DC)(DG)(DG)(DC)(DG)(DC)(DC)(DG)(94O)(DG)(DG)(DT)(DC) C
#
# COMPACT_ATOMS: atom_id res chain seq x y z
N LEU A 1 0.87 0.73 39.95
CA LEU A 1 2.36 0.86 39.94
C LEU A 1 2.81 1.95 40.91
N GLU A 2 4.06 1.86 41.30
CA GLU A 2 4.71 2.87 42.13
C GLU A 2 5.04 4.05 41.23
N GLU A 3 4.75 5.27 41.68
CA GLU A 3 5.07 6.47 40.91
C GLU A 3 6.47 6.89 41.28
N ALA A 4 7.38 6.83 40.32
CA ALA A 4 8.79 7.14 40.54
C ALA A 4 9.19 8.35 39.69
N PRO A 5 10.25 9.08 40.11
CA PRO A 5 10.62 10.27 39.34
C PRO A 5 11.13 9.95 37.94
N TRP A 6 10.94 10.92 37.07
CA TRP A 6 11.46 10.83 35.73
C TRP A 6 12.96 11.06 35.65
N PRO A 7 13.69 9.97 35.48
CA PRO A 7 13.81 9.41 34.16
C PRO A 7 13.62 7.90 34.42
N PRO A 8 13.06 7.16 33.47
CA PRO A 8 12.99 5.71 33.69
C PRO A 8 14.37 5.06 33.54
N PRO A 9 14.52 3.80 33.99
CA PRO A 9 15.77 3.10 33.68
C PRO A 9 15.83 2.62 32.22
N GLU A 10 17.03 2.22 31.79
CA GLU A 10 17.26 1.46 30.57
C GLU A 10 16.12 0.47 30.25
N GLY A 11 15.58 0.55 29.03
CA GLY A 11 14.64 -0.46 28.53
C GLY A 11 13.19 -0.38 29.00
N ALA A 12 12.80 0.72 29.66
CA ALA A 12 11.39 0.92 30.04
C ALA A 12 10.48 1.01 28.82
N PHE A 13 9.19 0.73 29.05
CA PHE A 13 8.17 0.85 28.00
C PHE A 13 7.55 2.25 28.02
N VAL A 14 7.47 2.87 26.86
CA VAL A 14 6.96 4.24 26.75
C VAL A 14 5.46 4.29 26.49
N GLY A 15 4.82 5.34 27.01
CA GLY A 15 3.49 5.76 26.59
C GLY A 15 3.49 7.23 26.23
N PHE A 16 2.63 7.62 25.30
CA PHE A 16 2.59 9.01 24.85
C PHE A 16 1.26 9.37 24.22
N VAL A 17 0.93 10.66 24.28
CA VAL A 17 -0.27 11.21 23.70
C VAL A 17 0.11 12.33 22.71
N LEU A 18 -0.39 12.21 21.48
CA LEU A 18 -0.21 13.21 20.43
C LEU A 18 -1.49 14.02 20.31
N SER A 19 -1.38 15.29 19.97
CA SER A 19 -2.53 16.13 19.69
C SER A 19 -3.32 15.67 18.48
N ARG A 20 -2.65 14.96 17.58
CA ARG A 20 -3.28 14.40 16.41
C ARG A 20 -2.47 13.20 15.95
N LYS A 21 -3.05 12.42 15.06
CA LYS A 21 -2.49 11.14 14.70
C LYS A 21 -1.16 11.24 13.92
N GLU A 22 -0.98 12.30 13.13
CA GLU A 22 0.18 12.41 12.27
C GLU A 22 1.43 12.83 13.06
N PRO A 23 2.41 11.93 13.23
CA PRO A 23 3.56 12.33 14.08
C PRO A 23 4.37 13.56 13.61
N MET A 24 4.44 13.82 12.31
CA MET A 24 5.12 15.01 11.83
C MET A 24 4.39 16.31 12.13
N TRP A 25 3.07 16.25 12.31
CA TRP A 25 2.27 17.44 12.59
C TRP A 25 1.87 17.61 14.06
N ALA A 26 2.05 16.57 14.86
CA ALA A 26 1.52 16.54 16.22
C ALA A 26 2.35 17.26 17.28
N ASP A 27 1.62 17.85 18.23
CA ASP A 27 2.18 18.29 19.49
C ASP A 27 2.23 17.07 20.41
N LEU A 28 3.38 16.83 21.03
CA LEU A 28 3.53 15.79 22.05
C LEU A 28 2.96 16.30 23.39
N LEU A 29 1.76 15.84 23.74
CA LEU A 29 1.05 16.34 24.93
C LEU A 29 1.57 15.78 26.23
N ALA A 30 2.04 14.55 26.21
CA ALA A 30 2.54 13.88 27.41
C ALA A 30 3.35 12.64 27.05
N LEU A 31 4.23 12.26 27.97
CA LEU A 31 5.16 11.18 27.78
C LEU A 31 5.32 10.51 29.11
N ALA A 32 5.44 9.19 29.12
CA ALA A 32 5.63 8.44 30.34
C ALA A 32 6.33 7.13 30.05
N ALA A 33 6.81 6.45 31.10
CA ALA A 33 7.40 5.12 30.94
C ALA A 33 7.12 4.20 32.13
N ALA A 34 7.19 2.89 31.87
CA ALA A 34 6.92 1.85 32.87
C ALA A 34 8.00 0.74 32.89
N ARG A 35 8.43 0.33 34.08
CA ARG A 35 9.43 -0.75 34.25
C ARG A 35 9.62 -1.08 35.73
N GLY A 36 9.75 -2.39 36.02
CA GLY A 36 10.12 -2.89 37.35
C GLY A 36 9.16 -2.56 38.48
N GLY A 37 7.86 -2.46 38.17
CA GLY A 37 6.84 -2.07 39.16
C GLY A 37 6.73 -0.56 39.41
N ARG A 38 7.32 0.25 38.53
CA ARG A 38 7.25 1.71 38.66
C ARG A 38 6.70 2.33 37.37
N VAL A 39 6.07 3.49 37.54
CA VAL A 39 5.62 4.33 36.42
C VAL A 39 6.31 5.69 36.56
N HIS A 40 6.78 6.23 35.44
CA HIS A 40 7.55 7.47 35.44
C HIS A 40 6.88 8.44 34.48
N ARG A 41 6.50 9.61 34.98
CA ARG A 41 5.86 10.63 34.15
C ARG A 41 6.76 11.83 33.91
N ALA A 42 6.93 12.20 32.64
CA ALA A 42 7.74 13.35 32.26
C ALA A 42 7.07 14.67 32.66
N PRO A 43 7.78 15.54 33.41
CA PRO A 43 7.19 16.84 33.72
C PRO A 43 7.03 17.74 32.49
N GLU A 44 7.98 17.67 31.56
CA GLU A 44 7.88 18.36 30.27
C GLU A 44 8.33 17.38 29.17
N PRO A 45 7.38 16.88 28.36
CA PRO A 45 7.66 15.76 27.48
C PRO A 45 8.73 15.99 26.40
N TYR A 46 8.83 17.20 25.81
CA TYR A 46 9.84 17.42 24.76
C TYR A 46 11.25 17.27 25.31
N LYS A 47 11.51 17.86 26.47
CA LYS A 47 12.79 17.69 27.16
C LYS A 47 13.03 16.24 27.56
N ALA A 48 11.99 15.60 28.07
CA ALA A 48 12.07 14.22 28.52
C ALA A 48 12.42 13.20 27.42
N LEU A 49 12.05 13.50 26.17
CA LEU A 49 12.46 12.71 25.00
C LEU A 49 13.94 12.40 24.91
N ARG A 50 14.77 13.38 25.27
CA ARG A 50 16.22 13.26 25.18
C ARG A 50 16.80 12.22 26.12
N ASP A 51 16.07 11.87 27.18
CA ASP A 51 16.52 10.88 28.15
C ASP A 51 16.44 9.41 27.68
N LEU A 52 15.63 9.13 26.65
CA LEU A 52 15.37 7.76 26.22
C LEU A 52 16.35 7.28 25.14
N LYS A 53 16.80 6.04 25.26
CA LYS A 53 17.70 5.42 24.27
C LYS A 53 16.93 4.76 23.13
N GLU A 54 15.67 4.39 23.39
CA GLU A 54 14.78 3.84 22.38
C GLU A 54 13.32 4.05 22.74
N ALA A 55 12.44 4.01 21.72
CA ALA A 55 11.00 4.02 21.92
C ALA A 55 10.52 2.57 21.89
N ARG A 56 10.12 2.08 23.05
CA ARG A 56 9.72 0.70 23.21
C ARG A 56 8.30 0.70 23.76
N GLY A 57 7.32 0.25 22.99
CA GLY A 57 5.90 0.32 23.39
C GLY A 57 4.95 0.43 22.20
N LEU A 58 3.65 0.57 22.51
CA LEU A 58 2.62 0.71 21.50
C LEU A 58 2.93 1.92 20.60
N LEU A 59 2.81 1.72 19.30
CA LEU A 59 3.02 2.75 18.27
C LEU A 59 4.40 3.42 18.35
N ALA A 60 5.41 2.64 18.73
CA ALA A 60 6.77 3.10 18.89
C ALA A 60 7.27 3.90 17.69
N LYS A 61 6.98 3.45 16.48
CA LYS A 61 7.39 4.16 15.27
C LYS A 61 6.91 5.64 15.27
N ASP A 62 5.66 5.90 15.65
CA ASP A 62 5.16 7.26 15.64
C ASP A 62 5.95 8.19 16.58
N LEU A 63 6.30 7.70 17.77
CA LEU A 63 7.12 8.51 18.70
C LEU A 63 8.49 8.77 18.12
N SER A 64 9.05 7.76 17.44
CA SER A 64 10.36 7.87 16.82
CA SER A 64 10.36 7.87 16.82
C SER A 64 10.36 8.89 15.70
N VAL A 65 9.30 8.89 14.88
CA VAL A 65 9.16 9.90 13.84
C VAL A 65 9.13 11.30 14.47
N LEU A 66 8.36 11.48 15.53
CA LEU A 66 8.30 12.77 16.17
C LEU A 66 9.66 13.12 16.74
N ALA A 67 10.36 12.15 17.33
CA ALA A 67 11.71 12.38 17.85
C ALA A 67 12.69 12.80 16.75
N LEU A 68 12.63 12.11 15.61
CA LEU A 68 13.47 12.46 14.47
C LEU A 68 13.18 13.86 13.94
N ARG A 69 11.90 14.26 13.94
CA ARG A 69 11.50 15.62 13.56
C ARG A 69 12.18 16.67 14.46
N GLU A 70 12.43 16.30 15.71
CA GLU A 70 13.10 17.18 16.67
C GLU A 70 14.65 16.99 16.74
N GLY A 71 15.24 16.35 15.74
CA GLY A 71 16.69 16.16 15.68
C GLY A 71 17.22 15.12 16.64
N LEU A 72 16.37 14.24 17.17
CA LEU A 72 16.81 13.20 18.09
C LEU A 72 16.78 11.83 17.41
N GLY A 73 17.86 11.07 17.55
CA GLY A 73 17.95 9.71 17.04
C GLY A 73 17.44 8.71 18.06
N LEU A 74 16.11 8.54 18.09
CA LEU A 74 15.44 7.67 19.04
C LEU A 74 14.76 6.54 18.25
N PRO A 75 15.45 5.40 18.09
CA PRO A 75 14.88 4.36 17.25
C PRO A 75 13.72 3.60 17.93
N PRO A 76 12.74 3.16 17.14
CA PRO A 76 11.68 2.31 17.68
C PRO A 76 12.22 0.92 17.96
N GLY A 77 11.84 0.34 19.08
CA GLY A 77 12.17 -1.03 19.41
C GLY A 77 10.92 -1.89 19.46
N ASP A 78 10.80 -2.70 20.51
CA ASP A 78 9.64 -3.56 20.65
C ASP A 78 8.34 -2.77 20.64
N ASP A 79 7.36 -3.29 19.92
CA ASP A 79 6.03 -2.68 19.81
C ASP A 79 5.01 -3.82 19.79
N PRO A 80 4.18 -3.92 20.84
CA PRO A 80 3.15 -4.97 20.91
C PRO A 80 2.16 -5.01 19.75
N MET A 81 1.93 -3.89 19.08
CA MET A 81 1.11 -3.90 17.85
C MET A 81 1.67 -4.84 16.77
N LEU A 82 2.99 -4.91 16.68
CA LEU A 82 3.64 -5.75 15.70
C LEU A 82 3.53 -7.21 16.09
N LEU A 83 3.64 -7.51 17.39
CA LEU A 83 3.43 -8.87 17.87
C LEU A 83 2.02 -9.34 17.57
N ALA A 84 1.05 -8.49 17.92
CA ALA A 84 -0.37 -8.78 17.70
C ALA A 84 -0.70 -8.95 16.22
N TYR A 85 -0.12 -8.08 15.40
CA TYR A 85 -0.34 -8.11 13.94
C TYR A 85 0.20 -9.37 13.30
N LEU A 86 1.32 -9.88 13.83
CA LEU A 86 1.87 -11.14 13.38
C LEU A 86 1.04 -12.33 13.87
N LEU A 87 0.50 -12.25 15.08
CA LEU A 87 -0.43 -13.30 15.55
C LEU A 87 -1.69 -13.35 14.69
N ASP A 88 -2.18 -12.19 14.28
CA ASP A 88 -3.41 -12.11 13.50
C ASP A 88 -3.49 -10.72 12.88
N PRO A 89 -3.42 -10.62 11.54
CA PRO A 89 -3.34 -9.28 10.94
C PRO A 89 -4.64 -8.48 10.99
N SER A 90 -5.74 -9.06 11.49
CA SER A 90 -6.90 -8.23 11.85
C SER A 90 -6.64 -7.43 13.13
N ASN A 91 -5.56 -7.73 13.88
CA ASN A 91 -5.10 -6.81 14.93
C ASN A 91 -4.46 -5.55 14.33
N THR A 92 -5.25 -4.49 14.10
CA THR A 92 -4.76 -3.30 13.41
C THR A 92 -4.76 -1.99 14.21
N THR A 93 -5.44 -1.93 15.35
CA THR A 93 -5.55 -0.71 16.15
C THR A 93 -5.20 -1.05 17.57
N PRO A 94 -4.63 -0.09 18.32
CA PRO A 94 -4.38 -0.32 19.75
C PRO A 94 -5.65 -0.51 20.61
N GLU A 95 -6.76 0.07 20.19
CA GLU A 95 -8.06 -0.13 20.83
C GLU A 95 -8.40 -1.62 20.94
N GLY A 96 -8.39 -2.30 19.79
CA GLY A 96 -8.66 -3.74 19.73
C GLY A 96 -7.59 -4.56 20.42
N VAL A 97 -6.33 -4.25 20.16
CA VAL A 97 -5.24 -5.06 20.69
C VAL A 97 -5.26 -5.07 22.25
N ALA A 98 -5.46 -3.90 22.85
CA ALA A 98 -5.53 -3.75 24.31
C ALA A 98 -6.59 -4.65 24.92
N ARG A 99 -7.79 -4.55 24.36
CA ARG A 99 -8.90 -5.30 24.89
C ARG A 99 -8.78 -6.81 24.65
N ARG A 100 -8.17 -7.24 23.55
CA ARG A 100 -7.97 -8.65 23.30
C ARG A 100 -6.91 -9.27 24.23
N TYR A 101 -5.91 -8.49 24.61
CA TYR A 101 -4.71 -9.06 25.21
C TYR A 101 -4.38 -8.55 26.65
N GLY A 102 -5.29 -7.79 27.24
CA GLY A 102 -5.31 -7.59 28.70
C GLY A 102 -5.18 -6.18 29.25
N GLY A 103 -5.78 -5.20 28.57
CA GLY A 103 -5.93 -3.83 29.12
C GLY A 103 -6.96 -2.98 28.42
N GLU A 104 -6.81 -1.66 28.54
CA GLU A 104 -7.66 -0.69 27.86
C GLU A 104 -6.80 0.47 27.31
N TRP A 105 -7.01 0.83 26.04
CA TRP A 105 -6.33 1.97 25.41
C TRP A 105 -6.99 3.30 25.80
N THR A 106 -6.36 4.04 26.71
CA THR A 106 -6.91 5.30 27.24
C THR A 106 -6.23 6.50 26.57
N GLU A 107 -6.31 7.68 27.19
CA GLU A 107 -5.71 8.90 26.65
C GLU A 107 -4.69 9.48 27.62
N GLU A 108 -4.06 8.62 28.42
CA GLU A 108 -3.13 9.08 29.43
C GLU A 108 -1.80 8.34 29.25
N ALA A 109 -0.74 9.12 29.09
CA ALA A 109 0.58 8.59 28.72
C ALA A 109 1.05 7.50 29.66
N GLY A 110 0.89 7.72 30.97
CA GLY A 110 1.22 6.73 32.00
C GLY A 110 0.52 5.38 31.86
N GLU A 111 -0.79 5.42 31.59
CA GLU A 111 -1.61 4.22 31.41
C GLU A 111 -1.22 3.51 30.12
N ARG A 112 -0.96 4.28 29.08
CA ARG A 112 -0.47 3.75 27.82
C ARG A 112 0.89 3.09 27.96
N ALA A 113 1.73 3.61 28.86
CA ALA A 113 3.03 3.01 29.16
C ALA A 113 2.86 1.70 29.94
N ALA A 114 1.97 1.71 30.93
CA ALA A 114 1.67 0.51 31.74
C ALA A 114 1.02 -0.57 30.89
N LEU A 115 0.13 -0.14 30.01
CA LEU A 115 -0.52 -1.01 29.04
C LEU A 115 0.48 -1.65 28.08
N SER A 116 1.40 -0.85 27.56
CA SER A 116 2.44 -1.35 26.68
C SER A 116 3.29 -2.43 27.36
N GLU A 117 3.64 -2.24 28.63
CA GLU A 117 4.46 -3.23 29.37
C GLU A 117 3.79 -4.58 29.54
N ARG A 118 2.51 -4.55 29.91
CA ARG A 118 1.79 -5.78 30.18
C ARG A 118 1.29 -6.47 28.91
N LEU A 119 0.84 -5.71 27.92
CA LEU A 119 0.53 -6.28 26.60
C LEU A 119 1.76 -6.96 25.98
N PHE A 120 2.96 -6.36 26.14
CA PHE A 120 4.17 -6.96 25.59
C PHE A 120 4.41 -8.33 26.23
N ALA A 121 4.42 -8.36 27.57
CA ALA A 121 4.57 -9.58 28.32
C ALA A 121 3.58 -10.62 27.82
N ASN A 122 2.32 -10.23 27.65
CA ASN A 122 1.30 -11.19 27.26
C ASN A 122 1.43 -11.69 25.83
N LEU A 123 1.62 -10.76 24.91
CA LEU A 123 1.80 -11.11 23.49
C LEU A 123 3.10 -11.88 23.21
N TRP A 124 4.16 -11.56 23.96
CA TRP A 124 5.37 -12.34 23.95
C TRP A 124 5.10 -13.78 24.42
N GLY A 125 4.28 -13.93 25.46
CA GLY A 125 3.79 -15.25 25.89
C GLY A 125 3.10 -16.03 24.77
N ARG A 126 2.18 -15.37 24.06
CA ARG A 126 1.43 -16.00 22.96
C ARG A 126 2.31 -16.43 21.77
N LEU A 127 3.48 -15.80 21.63
CA LEU A 127 4.42 -16.13 20.59
C LEU A 127 5.50 -17.15 20.98
N GLU A 128 5.52 -17.63 22.23
CA GLU A 128 6.45 -18.69 22.64
C GLU A 128 6.21 -19.89 21.73
N GLY A 129 7.30 -20.44 21.19
CA GLY A 129 7.23 -21.61 20.31
C GLY A 129 6.72 -21.33 18.90
N GLU A 130 6.46 -20.07 18.56
CA GLU A 130 6.03 -19.69 17.22
C GLU A 130 7.25 -19.15 16.51
N GLU A 131 8.15 -20.08 16.18
CA GLU A 131 9.50 -19.76 15.70
C GLU A 131 9.50 -18.90 14.44
N ARG A 132 8.62 -19.19 13.51
CA ARG A 132 8.56 -18.42 12.25
C ARG A 132 8.00 -17.01 12.44
N LEU A 133 6.95 -16.88 13.24
CA LEU A 133 6.41 -15.56 13.56
C LEU A 133 7.45 -14.75 14.32
N LEU A 134 8.15 -15.40 15.25
CA LEU A 134 9.28 -14.78 15.95
C LEU A 134 10.39 -14.34 14.99
N TRP A 135 10.71 -15.18 14.01
CA TRP A 135 11.67 -14.80 12.97
C TRP A 135 11.20 -13.55 12.22
N LEU A 136 9.95 -13.53 11.79
CA LEU A 136 9.40 -12.35 11.11
C LEU A 136 9.44 -11.06 11.95
N TYR A 137 9.19 -11.19 13.25
CA TYR A 137 9.26 -10.05 14.16
C TYR A 137 10.69 -9.50 14.25
N ARG A 138 11.63 -10.39 14.58
CA ARG A 138 13.02 -9.98 14.81
C ARG A 138 13.76 -9.56 13.54
N GLU A 139 13.50 -10.25 12.44
CA GLU A 139 14.25 -10.03 11.20
C GLU A 139 13.56 -9.12 10.19
N VAL A 140 12.24 -8.89 10.33
CA VAL A 140 11.51 -8.04 9.39
C VAL A 140 10.80 -6.91 10.10
N GLU A 141 9.75 -7.21 10.88
CA GLU A 141 8.86 -6.15 11.34
C GLU A 141 9.52 -5.17 12.31
N ARG A 142 10.22 -5.68 13.33
CA ARG A 142 10.89 -4.79 14.29
C ARG A 142 11.96 -3.87 13.65
N PRO A 143 12.90 -4.43 12.85
CA PRO A 143 13.86 -3.52 12.19
C PRO A 143 13.23 -2.64 11.08
N LEU A 144 12.24 -3.15 10.35
CA LEU A 144 11.51 -2.33 9.38
C LEU A 144 10.95 -1.08 10.01
N SER A 145 10.46 -1.19 11.24
CA SER A 145 9.88 -0.04 11.92
C SER A 145 10.85 1.14 12.01
N ALA A 146 12.14 0.87 12.26
CA ALA A 146 13.17 1.96 12.25
C ALA A 146 13.35 2.58 10.84
N VAL A 147 13.32 1.76 9.80
CA VAL A 147 13.45 2.23 8.40
C VAL A 147 12.26 3.15 8.04
N LEU A 148 11.04 2.73 8.36
CA LEU A 148 9.84 3.54 8.07
C LEU A 148 9.86 4.88 8.83
N ALA A 149 10.32 4.87 10.07
CA ALA A 149 10.45 6.12 10.84
C ALA A 149 11.34 7.14 10.13
N HIS A 150 12.50 6.69 9.68
CA HIS A 150 13.41 7.51 8.87
C HIS A 150 12.77 7.98 7.57
N MET A 151 12.10 7.10 6.86
CA MET A 151 11.40 7.50 5.62
C MET A 151 10.35 8.56 5.89
N GLU A 152 9.51 8.32 6.90
CA GLU A 152 8.45 9.28 7.26
C GLU A 152 8.99 10.67 7.58
N ALA A 153 10.09 10.71 8.33
CA ALA A 153 10.66 11.94 8.82
C ALA A 153 11.40 12.72 7.73
N THR A 154 11.85 12.04 6.69
CA THR A 154 12.59 12.64 5.59
C THR A 154 11.64 13.31 4.63
N GLY A 155 10.57 12.62 4.27
CA GLY A 155 9.59 13.18 3.37
C GLY A 155 10.11 13.30 1.94
N VAL A 156 9.31 13.89 1.07
CA VAL A 156 9.64 14.01 -0.33
C VAL A 156 9.45 15.45 -0.80
N ARG A 157 10.26 15.89 -1.75
CA ARG A 157 10.14 17.24 -2.27
C ARG A 157 9.03 17.29 -3.33
N LEU A 158 8.19 18.31 -3.20
CA LEU A 158 7.09 18.57 -4.13
C LEU A 158 7.23 19.92 -4.82
N ASP A 159 6.99 19.95 -6.13
CA ASP A 159 7.00 21.20 -6.89
C ASP A 159 5.64 21.91 -6.71
N VAL A 160 5.59 22.78 -5.71
CA VAL A 160 4.36 23.41 -5.26
C VAL A 160 3.82 24.41 -6.27
N ALA A 161 4.68 25.33 -6.72
CA ALA A 161 4.31 26.36 -7.68
C ALA A 161 3.63 25.77 -8.93
N TYR A 162 4.21 24.67 -9.40
CA TYR A 162 3.76 23.92 -10.55
C TYR A 162 2.35 23.38 -10.34
N LEU A 163 2.12 22.79 -9.18
CA LEU A 163 0.77 22.31 -8.84
C LEU A 163 -0.26 23.41 -8.68
N ARG A 164 0.13 24.56 -8.14
CA ARG A 164 -0.76 25.73 -8.12
C ARG A 164 -1.16 26.14 -9.53
N ALA A 165 -0.16 26.27 -10.41
CA ALA A 165 -0.42 26.68 -11.80
C ALA A 165 -1.35 25.68 -12.45
N LEU A 166 -1.06 24.40 -12.28
CA LEU A 166 -1.87 23.35 -12.87
C LEU A 166 -3.35 23.39 -12.39
N SER A 167 -3.55 23.65 -11.10
CA SER A 167 -4.91 23.82 -10.56
C SER A 167 -5.75 24.88 -11.30
N LEU A 168 -5.18 26.07 -11.51
CA LEU A 168 -5.91 27.17 -12.19
C LEU A 168 -6.34 26.78 -13.60
N GLU A 169 -5.51 25.98 -14.28
CA GLU A 169 -5.83 25.57 -15.64
C GLU A 169 -6.83 24.43 -15.68
N VAL A 170 -6.70 23.46 -14.78
CA VAL A 170 -7.64 22.34 -14.72
C VAL A 170 -9.06 22.84 -14.38
N ALA A 171 -9.14 23.89 -13.57
CA ALA A 171 -10.42 24.49 -13.21
C ALA A 171 -11.16 25.03 -14.42
N GLU A 172 -10.46 25.69 -15.34
CA GLU A 172 -11.11 26.23 -16.54
C GLU A 172 -11.66 25.09 -17.41
N GLU A 173 -10.89 24.01 -17.56
CA GLU A 173 -11.32 22.85 -18.35
C GLU A 173 -12.51 22.15 -17.68
N ILE A 174 -12.47 22.03 -16.35
CA ILE A 174 -13.62 21.46 -15.64
C ILE A 174 -14.88 22.27 -15.89
N ALA A 175 -14.78 23.60 -15.83
CA ALA A 175 -15.98 24.45 -16.09
C ALA A 175 -16.50 24.33 -17.54
N ARG A 176 -15.60 24.05 -18.49
CA ARG A 176 -15.99 23.85 -19.91
C ARG A 176 -16.80 22.56 -20.02
N LEU A 177 -16.29 21.50 -19.39
CA LEU A 177 -16.99 20.21 -19.40
C LEU A 177 -18.35 20.26 -18.71
N GLU A 178 -18.42 20.88 -17.53
CA GLU A 178 -19.70 20.94 -16.82
C GLU A 178 -20.74 21.86 -17.46
N ALA A 179 -20.31 22.93 -18.12
CA ALA A 179 -21.24 23.79 -18.87
C ALA A 179 -21.92 22.98 -19.98
N GLU A 180 -21.14 22.15 -20.67
CA GLU A 180 -21.65 21.30 -21.74
C GLU A 180 -22.52 20.14 -21.20
N VAL A 181 -22.16 19.60 -20.04
CA VAL A 181 -23.04 18.63 -19.37
C VAL A 181 -24.39 19.30 -19.05
N PHE A 182 -24.33 20.52 -18.50
CA PHE A 182 -25.56 21.23 -18.15
C PHE A 182 -26.38 21.60 -19.37
N ARG A 183 -25.70 21.89 -20.49
CA ARG A 183 -26.43 22.12 -21.75
C ARG A 183 -27.12 20.84 -22.25
N LEU A 184 -26.42 19.70 -22.19
CA LEU A 184 -27.01 18.42 -22.60
C LEU A 184 -28.12 17.93 -21.67
N ALA A 185 -27.99 18.18 -20.37
CA ALA A 185 -29.07 17.90 -19.43
C ALA A 185 -30.27 18.82 -19.61
N GLY A 186 -30.06 19.98 -20.24
CA GLY A 186 -31.09 20.99 -20.39
C GLY A 186 -31.18 21.89 -19.17
N HIS A 187 -30.35 21.66 -18.16
CA HIS A 187 -30.40 22.44 -16.93
C HIS A 187 -29.16 22.18 -16.09
N PRO A 188 -28.88 23.05 -15.11
CA PRO A 188 -27.81 22.79 -14.17
C PRO A 188 -28.22 21.77 -13.11
N PHE A 189 -27.23 21.22 -12.44
CA PHE A 189 -27.41 20.37 -11.24
C PHE A 189 -26.05 20.19 -10.58
N ASN A 190 -25.97 19.48 -9.46
CA ASN A 190 -24.67 19.21 -8.87
C ASN A 190 -24.15 17.93 -9.49
N LEU A 191 -23.17 18.09 -10.36
CA LEU A 191 -22.60 17.01 -11.11
C LEU A 191 -21.73 16.10 -10.23
N ASN A 192 -21.27 16.60 -9.08
CA ASN A 192 -20.57 15.79 -8.11
C ASN A 192 -21.49 14.88 -7.31
N SER A 193 -22.80 15.14 -7.33
CA SER A 193 -23.76 14.33 -6.62
C SER A 193 -24.21 13.18 -7.52
N ARG A 194 -23.75 11.96 -7.19
CA ARG A 194 -24.13 10.79 -7.97
C ARG A 194 -25.62 10.50 -7.94
N ASP A 195 -26.32 10.87 -6.86
CA ASP A 195 -27.80 10.73 -6.83
C ASP A 195 -28.49 11.66 -7.84
N GLN A 196 -28.00 12.89 -7.96
CA GLN A 196 -28.57 13.84 -8.93
C GLN A 196 -28.27 13.41 -10.36
N LEU A 197 -27.05 12.95 -10.59
CA LEU A 197 -26.67 12.39 -11.89
C LEU A 197 -27.54 11.21 -12.29
N GLU A 198 -27.79 10.30 -11.34
CA GLU A 198 -28.64 9.11 -11.55
C GLU A 198 -29.99 9.50 -12.15
N ARG A 199 -30.62 10.45 -11.49
CA ARG A 199 -31.90 11.02 -11.93
C ARG A 199 -31.82 11.58 -13.34
N VAL A 200 -30.78 12.36 -13.60
CA VAL A 200 -30.63 12.97 -14.90
C VAL A 200 -30.45 11.90 -15.98
N LEU A 201 -29.53 10.97 -15.78
CA LEU A 201 -29.22 9.98 -16.82
C LEU A 201 -30.39 9.04 -17.09
N PHE A 202 -30.96 8.46 -16.04
CA PHE A 202 -31.90 7.34 -16.15
C PHE A 202 -33.38 7.71 -16.10
N ASP A 203 -33.73 8.82 -15.43
CA ASP A 203 -35.12 9.31 -15.38
C ASP A 203 -35.40 10.38 -16.43
N GLU A 204 -34.56 11.40 -16.52
CA GLU A 204 -34.80 12.55 -17.41
C GLU A 204 -34.41 12.20 -18.82
N LEU A 205 -33.17 11.78 -19.03
CA LEU A 205 -32.77 11.26 -20.33
C LEU A 205 -33.25 9.82 -20.41
N GLY A 206 -33.01 9.15 -21.53
CA GLY A 206 -33.63 7.86 -21.76
C GLY A 206 -32.83 6.67 -21.29
N LEU A 207 -31.71 6.90 -20.60
CA LEU A 207 -30.64 5.93 -20.60
C LEU A 207 -31.01 4.68 -19.79
N PRO A 208 -30.60 3.49 -20.28
CA PRO A 208 -30.94 2.27 -19.56
C PRO A 208 -30.00 2.12 -18.36
N ALA A 209 -30.55 1.72 -17.21
CA ALA A 209 -29.79 1.49 -15.99
C ALA A 209 -29.19 0.09 -15.99
N ILE A 210 -27.89 -0.01 -16.22
CA ILE A 210 -27.19 -1.28 -16.37
C ILE A 210 -26.45 -1.68 -15.07
N GLY A 211 -27.12 -1.60 -13.93
CA GLY A 211 -26.44 -1.87 -12.66
C GLY A 211 -27.00 -1.18 -11.44
N LYS A 212 -26.89 -1.85 -10.29
CA LYS A 212 -27.37 -1.36 -8.99
C LYS A 212 -26.21 -1.21 -8.00
N THR A 213 -26.31 -0.32 -7.02
CA THR A 213 -25.24 -0.14 -6.01
C THR A 213 -25.35 -1.21 -4.90
N GLU A 214 -24.22 -1.63 -4.33
CA GLU A 214 -24.17 -2.78 -3.42
C GLU A 214 -25.09 -2.65 -2.21
N LYS A 215 -24.93 -1.58 -1.45
CA LYS A 215 -25.54 -1.49 -0.13
C LYS A 215 -26.94 -0.90 -0.12
N THR A 216 -27.18 0.08 -0.97
CA THR A 216 -28.47 0.76 -1.01
C THR A 216 -29.28 0.48 -2.26
N GLY A 217 -28.72 -0.21 -3.25
CA GLY A 217 -29.50 -0.61 -4.43
C GLY A 217 -29.94 0.50 -5.37
N LYS A 218 -29.21 1.62 -5.37
CA LYS A 218 -29.48 2.70 -6.32
C LYS A 218 -28.95 2.31 -7.70
N ARG A 219 -29.43 2.96 -8.76
CA ARG A 219 -28.88 2.72 -10.09
C ARG A 219 -27.52 3.34 -10.19
N SER A 220 -26.56 2.53 -10.64
CA SER A 220 -25.16 2.88 -10.56
C SER A 220 -24.80 3.85 -11.67
N THR A 221 -23.85 4.73 -11.37
CA THR A 221 -23.28 5.63 -12.35
C THR A 221 -21.77 5.45 -12.45
N SER A 222 -21.26 4.26 -12.17
CA SER A 222 -19.80 4.04 -12.18
C SER A 222 -19.28 4.01 -13.61
N ALA A 223 -17.97 4.08 -13.75
CA ALA A 223 -17.33 4.13 -15.08
C ALA A 223 -17.58 2.87 -15.85
N ALA A 224 -17.65 1.75 -15.14
CA ALA A 224 -18.06 0.46 -15.72
C ALA A 224 -19.38 0.55 -16.44
N VAL A 225 -20.39 1.09 -15.75
CA VAL A 225 -21.71 1.28 -16.33
C VAL A 225 -21.69 2.32 -17.45
N LEU A 226 -21.03 3.45 -17.20
CA LEU A 226 -21.01 4.54 -18.17
C LEU A 226 -20.22 4.19 -19.44
N GLU A 227 -19.21 3.33 -19.32
CA GLU A 227 -18.54 2.73 -20.49
C GLU A 227 -19.52 2.06 -21.44
N ALA A 228 -20.47 1.32 -20.89
CA ALA A 228 -21.55 0.69 -21.68
C ALA A 228 -22.40 1.68 -22.47
N LEU A 229 -22.62 2.87 -21.91
CA LEU A 229 -23.45 3.92 -22.52
C LEU A 229 -22.65 5.01 -23.28
N ARG A 230 -21.43 4.70 -23.71
CA ARG A 230 -20.55 5.69 -24.34
C ARG A 230 -21.10 6.32 -25.62
N GLU A 231 -21.65 5.46 -26.50
CA GLU A 231 -22.24 5.91 -27.76
C GLU A 231 -23.71 6.32 -27.60
N ALA A 232 -24.41 5.71 -26.62
CA ALA A 232 -25.85 5.92 -26.39
C ALA A 232 -26.24 7.35 -26.00
N HIS A 233 -25.26 8.14 -25.59
CA HIS A 233 -25.42 9.58 -25.51
C HIS A 233 -24.04 10.27 -25.49
N PRO A 234 -23.92 11.44 -26.14
CA PRO A 234 -22.67 12.20 -26.03
C PRO A 234 -22.32 12.56 -24.58
N ILE A 235 -23.28 13.11 -23.83
CA ILE A 235 -23.14 13.49 -22.40
C ILE A 235 -22.31 12.57 -21.51
N VAL A 236 -22.34 11.27 -21.78
CA VAL A 236 -21.63 10.30 -20.98
C VAL A 236 -20.13 10.55 -21.06
N GLU A 237 -19.60 10.65 -22.28
CA GLU A 237 -18.21 11.08 -22.54
C GLU A 237 -17.78 12.28 -21.71
N LYS A 238 -18.62 13.31 -21.71
CA LYS A 238 -18.35 14.55 -20.96
C LYS A 238 -18.29 14.30 -19.45
N ILE A 239 -19.19 13.43 -18.97
CA ILE A 239 -19.22 13.04 -17.56
C ILE A 239 -17.95 12.30 -17.15
N LEU A 240 -17.56 11.29 -17.93
CA LEU A 240 -16.34 10.51 -17.67
C LEU A 240 -15.06 11.36 -17.65
N GLN A 241 -15.01 12.36 -18.52
CA GLN A 241 -13.90 13.30 -18.57
C GLN A 241 -13.92 14.24 -17.37
N TYR A 242 -15.12 14.73 -17.03
CA TYR A 242 -15.30 15.55 -15.83
C TYR A 242 -14.86 14.81 -14.54
N ARG A 243 -15.27 13.53 -14.44
CA ARG A 243 -14.93 12.65 -13.33
C ARG A 243 -13.46 12.55 -13.16
N GLU A 244 -12.79 12.22 -14.25
CA GLU A 244 -11.33 12.13 -14.23
C GLU A 244 -10.68 13.41 -13.73
N LEU A 245 -11.08 14.55 -14.30
CA LEU A 245 -10.45 15.83 -13.95
C LEU A 245 -10.67 16.21 -12.50
N THR A 246 -11.91 16.09 -12.04
CA THR A 246 -12.27 16.43 -10.65
C THR A 246 -11.64 15.49 -9.61
N LYS A 247 -11.56 14.20 -9.93
CA LYS A 247 -10.87 13.20 -9.10
C LYS A 247 -9.42 13.65 -8.85
N LEU A 248 -8.70 13.93 -9.93
CA LEU A 248 -7.28 14.25 -9.85
C LEU A 248 -7.07 15.60 -9.18
N LYS A 249 -7.91 16.58 -9.52
CA LYS A 249 -7.83 17.89 -8.91
C LYS A 249 -8.11 17.89 -7.40
N SER A 250 -9.22 17.29 -7.00
CA SER A 250 -9.62 17.26 -5.58
C SER A 250 -8.79 16.33 -4.70
N THR A 251 -8.17 15.30 -5.27
CA THR A 251 -7.42 14.30 -4.47
C THR A 251 -5.91 14.60 -4.40
N TYR A 252 -5.33 15.19 -5.44
CA TYR A 252 -3.89 15.37 -5.52
C TYR A 252 -3.47 16.82 -5.78
N ILE A 253 -3.97 17.42 -6.85
CA ILE A 253 -3.50 18.74 -7.27
C ILE A 253 -3.70 19.79 -6.19
N ASP A 254 -4.91 19.83 -5.61
CA ASP A 254 -5.27 20.86 -4.61
C ASP A 254 -4.77 20.58 -3.17
N PRO A 255 -4.98 19.36 -2.62
CA PRO A 255 -4.54 19.14 -1.24
C PRO A 255 -3.03 19.05 -1.01
N LEU A 256 -2.28 18.45 -1.92
CA LEU A 256 -0.87 18.16 -1.68
C LEU A 256 0.01 19.37 -1.39
N PRO A 257 -0.15 20.46 -2.17
CA PRO A 257 0.68 21.63 -1.86
C PRO A 257 0.43 22.20 -0.46
N ASP A 258 -0.80 22.07 0.04
CA ASP A 258 -1.09 22.57 1.39
C ASP A 258 -0.52 21.69 2.51
N LEU A 259 0.14 20.58 2.17
CA LEU A 259 0.66 19.66 3.19
C LEU A 259 2.18 19.73 3.35
N ILE A 260 2.79 20.79 2.82
CA ILE A 260 4.22 20.96 2.94
C ILE A 260 4.53 21.35 4.37
N HIS A 261 5.43 20.62 4.99
CA HIS A 261 5.78 20.90 6.35
C HIS A 261 6.71 22.14 6.39
N PRO A 262 6.42 23.13 7.27
CA PRO A 262 7.20 24.40 7.32
C PRO A 262 8.67 24.30 7.74
N ARG A 263 9.00 23.34 8.58
CA ARG A 263 10.38 23.08 8.97
C ARG A 263 11.20 22.29 7.94
N THR A 264 10.64 21.24 7.36
CA THR A 264 11.39 20.40 6.44
C THR A 264 11.35 20.91 4.99
N GLY A 265 10.31 21.65 4.65
CA GLY A 265 10.06 22.04 3.26
C GLY A 265 9.53 20.89 2.41
N ARG A 266 9.14 19.78 3.03
CA ARG A 266 8.82 18.55 2.30
C ARG A 266 7.46 17.98 2.67
N LEU A 267 7.05 16.99 1.88
CA LEU A 267 5.77 16.31 2.05
C LEU A 267 5.97 14.98 2.80
N HIS A 268 5.20 14.75 3.85
CA HIS A 268 5.42 13.61 4.73
C HIS A 268 4.20 12.72 4.83
N THR A 269 4.33 11.49 4.33
CA THR A 269 3.32 10.44 4.49
C THR A 269 3.60 9.63 5.74
N ARG A 270 2.64 8.75 6.05
CA ARG A 270 2.78 7.76 7.09
C ARG A 270 2.71 6.39 6.43
N PHE A 271 3.65 5.53 6.77
CA PHE A 271 3.63 4.14 6.36
C PHE A 271 3.11 3.31 7.51
N ASN A 272 1.92 2.77 7.32
CA ASN A 272 1.19 2.09 8.38
C ASN A 272 1.60 0.64 8.31
N GLN A 273 2.08 0.10 9.44
CA GLN A 273 2.75 -1.19 9.45
C GLN A 273 1.83 -2.34 9.89
N THR A 274 0.67 -2.03 10.48
CA THR A 274 -0.31 -3.04 10.92
C THR A 274 -1.70 -2.72 10.32
N ALA A 275 -1.77 -2.56 9.00
CA ALA A 275 -2.99 -2.06 8.37
C ALA A 275 -3.68 -2.99 7.39
N THR A 276 -2.99 -4.03 6.94
CA THR A 276 -3.51 -4.87 5.86
C THR A 276 -3.57 -6.33 6.28
N ALA A 277 -4.46 -7.05 5.61
CA ALA A 277 -4.73 -8.44 5.96
C ALA A 277 -3.64 -9.37 5.43
N THR A 278 -2.81 -8.88 4.49
CA THR A 278 -1.83 -9.70 3.78
C THR A 278 -0.36 -9.49 4.20
N GLY A 279 -0.08 -8.47 5.00
CA GLY A 279 1.31 -8.09 5.31
C GLY A 279 1.86 -6.93 4.48
N ARG A 280 1.07 -6.39 3.57
CA ARG A 280 1.49 -5.20 2.86
C ARG A 280 1.48 -4.00 3.81
N LEU A 281 2.25 -2.97 3.45
CA LEU A 281 2.13 -1.66 4.11
C LEU A 281 0.95 -0.91 3.53
N SER A 282 0.46 0.10 4.22
CA SER A 282 -0.34 1.17 3.58
C SER A 282 0.29 2.52 3.82
N SER A 283 -0.21 3.51 3.07
CA SER A 283 0.26 4.86 3.19
C SER A 283 -0.93 5.76 3.34
N SER A 284 -0.81 6.74 4.25
CA SER A 284 -1.89 7.68 4.51
C SER A 284 -1.36 9.04 4.97
N ASP A 285 -2.25 10.01 4.89
CA ASP A 285 -2.14 11.32 5.51
C ASP A 285 -1.07 12.24 4.91
N PRO A 286 -0.66 11.93 3.66
CA PRO A 286 -1.51 11.77 2.50
C PRO A 286 -1.06 10.38 2.00
N ASN A 287 -1.93 9.65 1.32
CA ASN A 287 -1.54 8.40 0.68
C ASN A 287 -0.63 8.77 -0.48
N LEU A 288 0.61 8.28 -0.44
CA LEU A 288 1.55 8.50 -1.55
C LEU A 288 1.82 7.20 -2.33
N GLN A 289 1.01 6.16 -2.07
CA GLN A 289 1.08 4.91 -2.83
C GLN A 289 0.03 4.83 -3.94
N ASN A 290 -0.74 5.90 -4.15
CA ASN A 290 -1.72 5.97 -5.24
C ASN A 290 -1.64 7.27 -6.04
N ILE A 291 -0.44 7.83 -6.12
CA ILE A 291 -0.22 9.01 -6.94
C ILE A 291 -0.44 8.60 -8.37
N PRO A 292 -1.21 9.40 -9.15
CA PRO A 292 -1.50 9.02 -10.53
C PRO A 292 -0.24 8.78 -11.38
N VAL A 293 -0.44 7.93 -12.38
CA VAL A 293 0.61 7.58 -13.33
C VAL A 293 0.09 7.26 -14.75
N ARG A 294 -1.21 7.09 -14.89
CA ARG A 294 -1.82 6.40 -16.00
C ARG A 294 -2.09 7.34 -17.17
N THR A 295 -2.86 8.39 -16.92
CA THR A 295 -3.37 9.29 -17.96
C THR A 295 -2.38 10.43 -18.19
N PRO A 296 -2.52 11.16 -19.31
CA PRO A 296 -1.61 12.30 -19.52
C PRO A 296 -1.59 13.31 -18.36
N LEU A 297 -2.75 13.60 -17.76
CA LEU A 297 -2.82 14.48 -16.58
C LEU A 297 -2.19 13.82 -15.35
N GLY A 298 -2.44 12.53 -15.15
CA GLY A 298 -1.81 11.79 -14.07
C GLY A 298 -0.29 11.91 -14.13
N GLN A 299 0.23 11.79 -15.33
CA GLN A 299 1.67 11.91 -15.56
C GLN A 299 2.17 13.31 -15.22
N ARG A 300 1.41 14.35 -15.60
CA ARG A 300 1.71 15.72 -15.18
C ARG A 300 1.81 15.85 -13.66
N ILE A 301 0.87 15.21 -12.95
CA ILE A 301 0.87 15.28 -11.47
C ILE A 301 2.11 14.62 -10.84
N ARG A 302 2.44 13.44 -11.34
CA ARG A 302 3.59 12.71 -10.88
C ARG A 302 4.94 13.46 -11.05
N ARG A 303 5.06 14.25 -12.11
CA ARG A 303 6.24 15.10 -12.31
C ARG A 303 6.47 16.15 -11.22
N ALA A 304 5.45 16.45 -10.42
CA ALA A 304 5.62 17.32 -9.26
C ALA A 304 6.49 16.72 -8.13
N PHE A 305 6.72 15.41 -8.13
CA PHE A 305 7.54 14.76 -7.11
C PHE A 305 8.96 14.72 -7.64
N ILE A 306 9.83 15.51 -7.02
CA ILE A 306 11.15 15.82 -7.55
C ILE A 306 12.27 15.57 -6.53
N ALA A 307 13.50 15.55 -7.04
CA ALA A 307 14.70 15.43 -6.21
C ALA A 307 15.05 16.78 -5.61
N GLU A 308 15.61 16.76 -4.42
CA GLU A 308 16.29 17.93 -3.89
C GLU A 308 17.41 18.34 -4.86
N GLU A 309 17.64 19.64 -4.97
CA GLU A 309 18.74 20.19 -5.79
C GLU A 309 20.09 19.54 -5.41
N GLY A 310 20.81 19.05 -6.42
CA GLY A 310 22.04 18.28 -6.23
C GLY A 310 21.83 16.78 -6.00
N TRP A 311 20.57 16.35 -5.96
CA TRP A 311 20.22 14.95 -5.83
C TRP A 311 19.41 14.49 -7.05
N LEU A 312 19.23 13.17 -7.18
CA LEU A 312 18.34 12.56 -8.16
C LEU A 312 17.49 11.48 -7.49
N LEU A 313 16.29 11.26 -8.03
CA LEU A 313 15.45 10.14 -7.63
C LEU A 313 15.93 8.89 -8.33
N VAL A 314 15.89 7.78 -7.60
CA VAL A 314 16.11 6.46 -8.13
C VAL A 314 14.85 5.63 -7.80
N ALA A 315 14.21 5.10 -8.84
CA ALA A 315 12.99 4.32 -8.76
C ALA A 315 13.27 2.89 -9.18
N LEU A 316 12.98 1.95 -8.29
CA LEU A 316 13.19 0.52 -8.50
C LEU A 316 11.86 -0.21 -8.33
N ASP A 317 11.50 -1.04 -9.33
CA ASP A 317 10.23 -1.75 -9.35
C ASP A 317 10.44 -3.21 -9.74
N TYR A 318 9.90 -4.13 -8.92
CA TYR A 318 10.07 -5.56 -9.18
C TYR A 318 9.29 -5.96 -10.41
N SER A 319 9.91 -6.75 -11.28
CA SER A 319 9.26 -7.21 -12.49
C SER A 319 8.29 -8.36 -12.21
N GLN A 320 7.03 -8.20 -12.63
CA GLN A 320 6.05 -9.30 -12.67
C GLN A 320 5.95 -10.03 -11.34
N ILE A 321 5.97 -9.29 -10.25
CA ILE A 321 6.39 -9.87 -8.97
C ILE A 321 5.56 -11.05 -8.46
N GLU A 322 4.23 -10.89 -8.37
CA GLU A 322 3.40 -11.98 -7.84
C GLU A 322 3.37 -13.22 -8.75
N LEU A 323 3.54 -13.03 -10.05
CA LEU A 323 3.69 -14.16 -10.99
C LEU A 323 4.95 -14.98 -10.67
N ARG A 324 6.06 -14.29 -10.40
CA ARG A 324 7.30 -14.95 -10.00
C ARG A 324 7.14 -15.66 -8.65
N VAL A 325 6.51 -14.98 -7.70
CA VAL A 325 6.22 -15.58 -6.39
C VAL A 325 5.35 -16.84 -6.55
N LEU A 326 4.35 -16.77 -7.43
CA LEU A 326 3.48 -17.91 -7.73
C LEU A 326 4.27 -19.12 -8.24
N ALA A 327 5.15 -18.86 -9.19
CA ALA A 327 6.04 -19.91 -9.70
C ALA A 327 6.72 -20.64 -8.55
N HIS A 328 7.23 -19.88 -7.57
CA HIS A 328 7.94 -20.47 -6.45
C HIS A 328 7.04 -21.25 -5.51
N LEU A 329 5.92 -20.64 -5.12
CA LEU A 329 5.00 -21.26 -4.17
C LEU A 329 4.38 -22.53 -4.71
N SER A 330 4.02 -22.51 -5.99
CA SER A 330 3.32 -23.62 -6.62
C SER A 330 4.28 -24.72 -7.07
N GLY A 331 5.49 -24.33 -7.42
CA GLY A 331 6.48 -25.27 -7.96
C GLY A 331 6.17 -25.69 -9.38
N ASP A 332 5.36 -24.91 -10.10
CA ASP A 332 4.95 -25.27 -11.45
C ASP A 332 6.12 -25.18 -12.41
N GLU A 333 6.43 -26.30 -13.06
CA GLU A 333 7.63 -26.43 -13.90
C GLU A 333 7.54 -25.54 -15.12
N ASN A 334 6.33 -25.41 -15.67
CA ASN A 334 6.10 -24.57 -16.84
C ASN A 334 6.23 -23.09 -16.52
N LEU A 335 5.71 -22.64 -15.39
CA LEU A 335 5.79 -21.22 -15.04
C LEU A 335 7.22 -20.82 -14.66
N ILE A 336 7.90 -21.70 -13.95
CA ILE A 336 9.32 -21.52 -13.63
C ILE A 336 10.13 -21.33 -14.91
N ARG A 337 9.92 -22.20 -15.89
CA ARG A 337 10.68 -22.14 -17.15
C ARG A 337 10.47 -20.83 -17.90
N VAL A 338 9.27 -20.28 -17.78
CA VAL A 338 8.90 -19.04 -18.45
C VAL A 338 9.75 -17.85 -17.96
N PHE A 339 9.99 -17.77 -16.65
CA PHE A 339 10.89 -16.75 -16.09
C PHE A 339 12.36 -17.12 -16.26
N GLN A 340 12.68 -18.40 -16.28
CA GLN A 340 14.06 -18.82 -16.64
C GLN A 340 14.45 -18.39 -18.07
N GLU A 341 13.47 -18.27 -18.98
CA GLU A 341 13.71 -17.80 -20.35
C GLU A 341 13.61 -16.28 -20.54
N GLY A 342 13.24 -15.53 -19.50
CA GLY A 342 13.17 -14.07 -19.56
C GLY A 342 11.96 -13.54 -20.32
N ARG A 343 10.83 -14.22 -20.16
CA ARG A 343 9.58 -13.88 -20.85
C ARG A 343 8.83 -12.81 -20.04
N ASP A 344 8.01 -12.00 -20.74
CA ASP A 344 7.14 -11.01 -20.10
C ASP A 344 5.67 -11.31 -20.42
N ILE A 345 4.94 -11.79 -19.41
CA ILE A 345 3.54 -12.22 -19.54
C ILE A 345 2.65 -11.01 -19.80
N HIS A 346 2.91 -9.93 -19.08
CA HIS A 346 2.13 -8.71 -19.25
C HIS A 346 2.22 -8.22 -20.69
N THR A 347 3.44 -8.09 -21.22
CA THR A 347 3.61 -7.72 -22.62
C THR A 347 2.97 -8.74 -23.56
N GLU A 348 3.11 -10.03 -23.25
CA GLU A 348 2.54 -11.09 -24.10
C GLU A 348 1.01 -11.09 -24.12
N THR A 349 0.39 -10.78 -22.98
CA THR A 349 -1.06 -10.65 -22.91
C THR A 349 -1.53 -9.38 -23.65
N ALA A 350 -0.86 -8.26 -23.44
CA ALA A 350 -1.15 -7.02 -24.18
C ALA A 350 -1.06 -7.25 -25.67
N SER A 351 0.06 -7.82 -26.10
CA SER A 351 0.31 -8.05 -27.50
C SER A 351 -0.81 -8.89 -28.11
N TRP A 352 -1.14 -9.99 -27.44
CA TRP A 352 -2.27 -10.86 -27.82
C TRP A 352 -3.59 -10.11 -27.91
N MET A 353 -3.94 -9.39 -26.84
CA MET A 353 -5.30 -8.85 -26.66
C MET A 353 -5.60 -7.61 -27.50
N PHE A 354 -4.62 -6.73 -27.68
CA PHE A 354 -4.74 -5.60 -28.61
C PHE A 354 -4.32 -5.96 -30.04
N GLY A 355 -3.67 -7.12 -30.23
CA GLY A 355 -3.26 -7.56 -31.56
C GLY A 355 -2.23 -6.67 -32.21
N VAL A 356 -1.16 -6.36 -31.47
CA VAL A 356 -0.03 -5.58 -32.00
C VAL A 356 1.29 -6.27 -31.66
N PRO A 357 2.37 -5.98 -32.41
CA PRO A 357 3.68 -6.50 -32.01
C PRO A 357 4.11 -5.92 -30.67
N ARG A 358 5.03 -6.60 -30.02
CA ARG A 358 5.47 -6.23 -28.68
C ARG A 358 6.01 -4.79 -28.64
N GLU A 359 6.78 -4.42 -29.64
CA GLU A 359 7.36 -3.08 -29.78
C GLU A 359 6.37 -1.92 -29.63
N ALA A 360 5.13 -2.15 -30.07
CA ALA A 360 4.06 -1.14 -30.03
C ALA A 360 3.27 -1.09 -28.71
N VAL A 361 3.58 -1.97 -27.76
CA VAL A 361 2.82 -2.07 -26.52
C VAL A 361 3.13 -0.88 -25.60
N ASP A 362 2.15 0.00 -25.41
CA ASP A 362 2.34 1.21 -24.58
C ASP A 362 1.99 0.96 -23.10
N PRO A 363 2.32 1.91 -22.22
CA PRO A 363 2.02 1.66 -20.81
C PRO A 363 0.52 1.44 -20.52
N LEU A 364 -0.36 2.19 -21.18
CA LEU A 364 -1.81 1.99 -21.01
C LEU A 364 -2.16 0.52 -21.27
N MET A 365 -1.62 -0.04 -22.35
CA MET A 365 -1.91 -1.43 -22.72
C MET A 365 -1.42 -2.43 -21.70
N ARG A 366 -0.19 -2.24 -21.25
CA ARG A 366 0.41 -3.11 -20.24
C ARG A 366 -0.46 -3.23 -18.96
N ARG A 367 -0.99 -2.11 -18.50
CA ARG A 367 -1.94 -2.11 -17.35
C ARG A 367 -3.21 -2.93 -17.60
N ALA A 368 -3.75 -2.84 -18.81
CA ALA A 368 -4.92 -3.62 -19.18
C ALA A 368 -4.64 -5.12 -19.04
N ALA A 369 -3.43 -5.53 -19.46
CA ALA A 369 -3.03 -6.92 -19.47
C ALA A 369 -2.83 -7.46 -18.05
N LYS A 370 -2.25 -6.63 -17.19
CA LYS A 370 -2.15 -6.92 -15.74
C LYS A 370 -3.50 -7.29 -15.14
N THR A 371 -4.51 -6.48 -15.43
CA THR A 371 -5.86 -6.76 -14.94
C THR A 371 -6.28 -8.19 -15.32
N ILE A 372 -5.95 -8.59 -16.56
CA ILE A 372 -6.33 -9.91 -17.07
C ILE A 372 -5.55 -11.01 -16.39
N ASN A 373 -4.22 -10.89 -16.34
CA ASN A 373 -3.38 -11.93 -15.74
C ASN A 373 -3.67 -12.16 -14.24
N PHE A 374 -3.72 -11.09 -13.47
CA PHE A 374 -4.03 -11.20 -12.05
C PHE A 374 -5.52 -11.53 -11.82
N GLY A 375 -6.39 -11.04 -12.68
CA GLY A 375 -7.82 -11.33 -12.58
C GLY A 375 -8.09 -12.82 -12.66
N VAL A 376 -7.61 -13.42 -13.75
CA VAL A 376 -7.84 -14.83 -14.01
C VAL A 376 -7.23 -15.65 -12.88
N LEU A 377 -5.99 -15.34 -12.52
CA LEU A 377 -5.27 -16.11 -11.50
C LEU A 377 -6.02 -16.15 -10.18
N TYR A 378 -6.48 -14.97 -9.75
CA TYR A 378 -7.14 -14.84 -8.47
C TYR A 378 -8.69 -15.07 -8.54
N GLY A 379 -9.13 -15.87 -9.50
CA GLY A 379 -10.49 -16.42 -9.49
C GLY A 379 -11.59 -15.60 -10.14
N MET A 380 -11.23 -14.67 -11.03
CA MET A 380 -12.23 -13.91 -11.78
C MET A 380 -13.16 -14.85 -12.52
N SER A 381 -14.45 -14.49 -12.58
CA SER A 381 -15.46 -15.29 -13.28
C SER A 381 -15.27 -15.26 -14.78
N ALA A 382 -15.77 -16.31 -15.43
CA ALA A 382 -15.98 -16.33 -16.87
C ALA A 382 -16.79 -15.10 -17.31
N HIS A 383 -17.89 -14.84 -16.60
CA HIS A 383 -18.73 -13.67 -16.90
C HIS A 383 -17.93 -12.38 -16.84
N ARG A 384 -17.24 -12.12 -15.73
CA ARG A 384 -16.48 -10.89 -15.65
C ARG A 384 -15.26 -10.86 -16.56
N LEU A 385 -14.68 -12.01 -16.92
CA LEU A 385 -13.62 -11.98 -17.94
C LEU A 385 -14.19 -11.60 -19.32
N SER A 386 -15.41 -12.05 -19.64
CA SER A 386 -16.09 -11.65 -20.89
C SER A 386 -16.24 -10.13 -20.97
N GLN A 387 -16.82 -9.57 -19.91
CA GLN A 387 -16.78 -8.13 -19.67
C GLN A 387 -15.32 -7.89 -19.34
N GLU A 388 -14.72 -6.79 -19.79
CA GLU A 388 -13.27 -6.53 -19.66
C GLU A 388 -12.58 -6.80 -20.98
N LEU A 389 -12.53 -8.07 -21.38
CA LEU A 389 -11.98 -8.43 -22.69
C LEU A 389 -12.92 -8.08 -23.85
N ALA A 390 -14.20 -7.86 -23.56
CA ALA A 390 -15.21 -7.54 -24.58
C ALA A 390 -15.32 -8.66 -25.63
N ILE A 391 -15.48 -9.89 -25.16
CA ILE A 391 -15.57 -11.09 -26.00
C ILE A 391 -16.71 -11.99 -25.53
N PRO A 392 -17.12 -12.98 -26.36
CA PRO A 392 -18.14 -13.95 -25.94
C PRO A 392 -17.80 -14.78 -24.69
N TYR A 393 -18.78 -15.53 -24.21
CA TYR A 393 -18.74 -16.16 -22.88
C TYR A 393 -17.93 -17.45 -22.84
N GLU A 394 -18.30 -18.42 -23.66
CA GLU A 394 -17.55 -19.69 -23.80
C GLU A 394 -16.08 -19.48 -24.15
N GLU A 395 -15.75 -18.38 -24.83
CA GLU A 395 -14.37 -17.97 -25.05
C GLU A 395 -13.63 -17.67 -23.75
N ALA A 396 -14.31 -17.00 -22.82
CA ALA A 396 -13.74 -16.72 -21.49
C ALA A 396 -13.53 -18.01 -20.68
N GLN A 397 -14.54 -18.88 -20.63
CA GLN A 397 -14.38 -20.22 -20.02
C GLN A 397 -13.14 -20.96 -20.58
N ALA A 398 -12.96 -20.90 -21.91
CA ALA A 398 -11.79 -21.48 -22.58
C ALA A 398 -10.48 -20.74 -22.30
N PHE A 399 -10.53 -19.41 -22.20
CA PHE A 399 -9.34 -18.64 -21.81
C PHE A 399 -8.87 -19.06 -20.40
N ILE A 400 -9.79 -19.12 -19.45
CA ILE A 400 -9.47 -19.53 -18.07
C ILE A 400 -8.94 -20.96 -18.07
N GLU A 401 -9.56 -21.80 -18.90
CA GLU A 401 -9.06 -23.14 -19.21
C GLU A 401 -7.62 -23.11 -19.77
N ARG A 402 -7.39 -22.28 -20.79
CA ARG A 402 -6.06 -22.17 -21.42
C ARG A 402 -5.00 -21.70 -20.44
N TYR A 403 -5.35 -20.72 -19.61
CA TYR A 403 -4.47 -20.15 -18.61
C TYR A 403 -3.99 -21.22 -17.63
N PHE A 404 -4.93 -21.92 -16.99
CA PHE A 404 -4.58 -23.05 -16.12
C PHE A 404 -4.24 -24.26 -17.01
N GLN A 405 -3.65 -25.28 -16.43
CA GLN A 405 -2.97 -26.39 -17.17
C GLN A 405 -1.93 -26.04 -18.27
N SER A 406 -1.89 -24.80 -18.77
CA SER A 406 -0.60 -24.20 -19.16
C SER A 406 0.29 -24.22 -17.92
N PHE A 407 -0.32 -24.01 -16.76
CA PHE A 407 0.39 -24.09 -15.48
C PHE A 407 -0.35 -25.00 -14.50
N PRO A 408 -0.31 -26.32 -14.76
CA PRO A 408 -1.09 -27.35 -14.05
C PRO A 408 -1.00 -27.35 -12.53
N LYS A 409 0.18 -27.10 -11.98
CA LYS A 409 0.36 -27.22 -10.53
C LYS A 409 -0.05 -25.96 -9.75
N VAL A 410 -0.45 -24.90 -10.45
CA VAL A 410 -1.04 -23.71 -9.82
C VAL A 410 -2.35 -24.11 -9.15
N ARG A 411 -3.21 -24.78 -9.90
CA ARG A 411 -4.49 -25.29 -9.41
C ARG A 411 -4.31 -26.20 -8.19
N ALA A 412 -3.37 -27.14 -8.28
CA ALA A 412 -3.13 -28.07 -7.18
C ALA A 412 -2.66 -27.33 -5.92
N TRP A 413 -1.90 -26.25 -6.12
CA TRP A 413 -1.49 -25.40 -5.01
C TRP A 413 -2.67 -24.58 -4.45
N ILE A 414 -3.52 -24.01 -5.33
CA ILE A 414 -4.76 -23.37 -4.88
C ILE A 414 -5.56 -24.31 -3.97
N GLU A 415 -5.76 -25.56 -4.41
CA GLU A 415 -6.52 -26.54 -3.63
C GLU A 415 -5.85 -26.89 -2.31
N LYS A 416 -4.54 -27.16 -2.37
CA LYS A 416 -3.77 -27.44 -1.16
C LYS A 416 -3.90 -26.31 -0.14
N THR A 417 -3.76 -25.07 -0.63
CA THR A 417 -3.88 -23.86 0.21
C THR A 417 -5.26 -23.75 0.91
N LEU A 418 -6.34 -23.98 0.17
CA LEU A 418 -7.68 -23.95 0.76
C LEU A 418 -7.97 -25.05 1.79
N GLU A 419 -7.49 -26.28 1.56
CA GLU A 419 -7.67 -27.38 2.52
C GLU A 419 -6.88 -27.14 3.83
N GLU A 420 -5.68 -26.56 3.75
CA GLU A 420 -4.92 -26.15 4.95
C GLU A 420 -5.64 -25.02 5.69
N GLY A 421 -6.20 -24.09 4.93
CA GLY A 421 -6.96 -22.99 5.50
C GLY A 421 -8.21 -23.47 6.22
N ARG A 422 -8.93 -24.41 5.60
CA ARG A 422 -10.13 -24.99 6.20
C ARG A 422 -9.82 -25.77 7.47
N ARG A 423 -8.65 -26.41 7.49
CA ARG A 423 -8.29 -27.27 8.60
C ARG A 423 -7.68 -26.49 9.77
N ARG A 424 -6.73 -25.61 9.47
CA ARG A 424 -6.08 -24.80 10.50
C ARG A 424 -6.79 -23.49 10.84
N GLY A 425 -7.61 -22.98 9.91
CA GLY A 425 -8.30 -21.70 10.09
C GLY A 425 -7.55 -20.51 9.46
N TYR A 426 -6.30 -20.73 9.04
CA TYR A 426 -5.44 -19.69 8.45
C TYR A 426 -4.56 -20.21 7.31
N VAL A 427 -4.19 -19.28 6.45
CA VAL A 427 -3.23 -19.51 5.38
C VAL A 427 -1.95 -18.74 5.71
N GLU A 428 -0.85 -19.06 5.02
CA GLU A 428 0.42 -18.46 5.35
C GLU A 428 1.26 -18.17 4.12
N THR A 429 2.13 -17.17 4.25
CA THR A 429 3.11 -16.84 3.21
C THR A 429 4.30 -17.80 3.34
N LEU A 430 5.26 -17.67 2.43
CA LEU A 430 6.49 -18.45 2.45
C LEU A 430 7.22 -18.38 3.79
N PHE A 431 7.19 -17.22 4.44
CA PHE A 431 7.87 -17.01 5.71
C PHE A 431 6.97 -17.28 6.94
N GLY A 432 5.76 -17.75 6.72
CA GLY A 432 4.86 -18.07 7.80
C GLY A 432 4.00 -16.93 8.34
N ARG A 433 3.94 -15.80 7.63
CA ARG A 433 2.95 -14.79 7.95
C ARG A 433 1.56 -15.39 7.75
N ARG A 434 0.66 -15.19 8.72
CA ARG A 434 -0.65 -15.85 8.72
C ARG A 434 -1.76 -14.85 8.46
N ARG A 435 -2.82 -15.34 7.84
CA ARG A 435 -4.08 -14.62 7.78
C ARG A 435 -5.16 -15.64 8.10
N TYR A 436 -5.99 -15.34 9.09
CA TYR A 436 -7.13 -16.18 9.45
C TYR A 436 -8.28 -15.86 8.52
N VAL A 437 -8.76 -16.87 7.79
CA VAL A 437 -9.90 -16.70 6.89
C VAL A 437 -11.00 -17.68 7.36
N PRO A 438 -11.91 -17.19 8.20
CA PRO A 438 -12.87 -18.05 8.88
C PRO A 438 -13.97 -18.61 7.97
N ASP A 439 -14.32 -17.90 6.90
CA ASP A 439 -15.51 -18.24 6.12
C ASP A 439 -15.32 -19.33 5.02
N LEU A 440 -14.23 -20.09 5.04
CA LEU A 440 -13.99 -21.12 4.01
C LEU A 440 -14.98 -22.29 4.02
N GLU A 441 -15.67 -22.53 5.13
CA GLU A 441 -16.74 -23.54 5.18
C GLU A 441 -18.14 -22.91 5.39
N ALA A 442 -18.27 -21.64 4.98
CA ALA A 442 -19.57 -20.98 4.95
C ALA A 442 -20.50 -21.75 4.04
N ARG A 443 -21.80 -21.67 4.33
CA ARG A 443 -22.86 -22.39 3.57
C ARG A 443 -23.49 -21.61 2.42
N VAL A 444 -23.20 -20.32 2.37
CA VAL A 444 -23.67 -19.46 1.30
C VAL A 444 -22.48 -19.43 0.34
N LYS A 445 -22.69 -19.88 -0.89
CA LYS A 445 -21.62 -20.01 -1.85
C LYS A 445 -20.88 -18.72 -2.05
N SER A 446 -21.59 -17.63 -2.36
CA SER A 446 -20.92 -16.32 -2.55
C SER A 446 -19.97 -15.95 -1.41
N VAL A 447 -20.40 -16.14 -0.17
CA VAL A 447 -19.58 -15.82 1.00
C VAL A 447 -18.40 -16.78 1.10
N ARG A 448 -18.65 -18.07 0.80
CA ARG A 448 -17.59 -19.08 0.78
C ARG A 448 -16.55 -18.80 -0.31
N GLU A 449 -17.00 -18.50 -1.52
CA GLU A 449 -16.06 -18.32 -2.64
C GLU A 449 -15.26 -17.02 -2.54
N ALA A 450 -15.85 -15.96 -1.98
CA ALA A 450 -15.10 -14.73 -1.67
C ALA A 450 -14.01 -15.03 -0.63
N ALA A 451 -14.36 -15.81 0.39
CA ALA A 451 -13.38 -16.19 1.41
C ALA A 451 -12.22 -16.95 0.76
N GLU A 452 -12.57 -17.86 -0.16
CA GLU A 452 -11.58 -18.62 -0.94
C GLU A 452 -10.57 -17.77 -1.74
N ARG A 453 -11.05 -16.75 -2.44
CA ARG A 453 -10.20 -15.89 -3.28
C ARG A 453 -9.29 -14.99 -2.43
N MET A 454 -9.81 -14.54 -1.30
CA MET A 454 -8.98 -13.86 -0.28
C MET A 454 -7.92 -14.82 0.27
N ALA A 455 -8.33 -16.05 0.59
CA ALA A 455 -7.41 -17.03 1.20
C ALA A 455 -6.22 -17.37 0.29
N PHE A 456 -6.48 -17.75 -0.97
CA PHE A 456 -5.38 -18.11 -1.86
C PHE A 456 -4.59 -16.93 -2.44
N ASN A 457 -5.14 -15.72 -2.38
CA ASN A 457 -4.37 -14.53 -2.78
C ASN A 457 -3.31 -14.16 -1.74
N MET A 458 -3.60 -14.34 -0.45
CA MET A 458 -2.74 -13.83 0.60
C MET A 458 -1.34 -14.42 0.62
N PRO A 459 -1.18 -15.74 0.49
CA PRO A 459 0.20 -16.24 0.44
C PRO A 459 1.05 -15.63 -0.69
N VAL A 460 0.40 -15.24 -1.80
CA VAL A 460 1.08 -14.68 -2.96
C VAL A 460 1.38 -13.18 -2.82
N GLN A 461 0.36 -12.38 -2.51
CA GLN A 461 0.57 -10.97 -2.22
C GLN A 461 1.42 -10.76 -0.98
N GLY A 462 1.20 -11.60 0.03
CA GLY A 462 1.90 -11.51 1.28
C GLY A 462 3.35 -11.89 1.21
N THR A 463 3.68 -12.87 0.34
CA THR A 463 5.06 -13.28 0.16
C THR A 463 5.83 -12.17 -0.54
N ALA A 464 5.19 -11.57 -1.54
CA ALA A 464 5.79 -10.42 -2.23
C ALA A 464 6.03 -9.28 -1.24
N ALA A 465 5.05 -9.03 -0.37
CA ALA A 465 5.21 -8.05 0.69
C ALA A 465 6.34 -8.38 1.64
N ASP A 466 6.47 -9.65 2.04
CA ASP A 466 7.55 -10.10 2.91
C ASP A 466 8.92 -9.82 2.27
N LEU A 467 9.04 -10.13 0.99
CA LEU A 467 10.27 -9.96 0.24
C LEU A 467 10.70 -8.50 0.19
N MET A 468 9.75 -7.64 -0.11
CA MET A 468 9.99 -6.20 -0.20
C MET A 468 10.40 -5.65 1.14
N LYS A 469 9.72 -6.07 2.22
CA LYS A 469 10.06 -5.60 3.57
C LYS A 469 11.49 -5.98 3.96
N LEU A 470 11.87 -7.21 3.65
CA LEU A 470 13.20 -7.72 3.93
C LEU A 470 14.26 -6.99 3.10
N ALA A 471 13.95 -6.68 1.83
CA ALA A 471 14.86 -5.91 0.99
C ALA A 471 15.10 -4.53 1.58
N MET A 472 14.05 -3.91 2.10
CA MET A 472 14.14 -2.60 2.72
C MET A 472 15.05 -2.65 3.93
N VAL A 473 14.85 -3.67 4.76
CA VAL A 473 15.64 -3.87 5.98
C VAL A 473 17.14 -4.00 5.62
N LYS A 474 17.45 -4.78 4.60
CA LYS A 474 18.82 -4.97 4.13
C LYS A 474 19.41 -3.76 3.44
N LEU A 475 18.59 -3.03 2.68
CA LEU A 475 19.05 -1.92 1.88
C LEU A 475 19.34 -0.67 2.71
N PHE A 476 18.47 -0.37 3.69
CA PHE A 476 18.58 0.90 4.41
C PHE A 476 19.99 1.24 4.98
N PRO A 477 20.64 0.31 5.70
CA PRO A 477 21.96 0.68 6.23
C PRO A 477 23.02 0.87 5.12
N ARG A 478 22.85 0.20 3.99
CA ARG A 478 23.75 0.37 2.86
C ARG A 478 23.61 1.78 2.26
N LEU A 479 22.38 2.29 2.25
CA LEU A 479 22.11 3.64 1.72
C LEU A 479 22.67 4.73 2.63
N GLU A 480 22.43 4.60 3.94
CA GLU A 480 23.05 5.46 4.96
C GLU A 480 24.55 5.62 4.77
N GLU A 481 25.26 4.51 4.54
CA GLU A 481 26.72 4.57 4.29
C GLU A 481 27.09 5.41 3.07
N MET A 482 26.27 5.32 2.03
CA MET A 482 26.51 6.03 0.77
C MET A 482 25.94 7.46 0.73
N GLY A 483 25.37 7.93 1.84
CA GLY A 483 24.78 9.26 1.92
C GLY A 483 23.52 9.42 1.07
N ALA A 484 22.79 8.34 0.85
CA ALA A 484 21.49 8.38 0.14
C ALA A 484 20.33 8.13 1.11
N ARG A 485 19.10 8.31 0.62
CA ARG A 485 17.89 8.25 1.42
C ARG A 485 16.89 7.29 0.80
N MET A 486 16.15 6.57 1.64
CA MET A 486 14.98 5.84 1.19
C MET A 486 13.77 6.76 1.39
N LEU A 487 12.99 7.04 0.34
CA LEU A 487 11.87 7.96 0.48
C LEU A 487 10.51 7.26 0.55
N LEU A 488 10.23 6.37 -0.39
CA LEU A 488 8.89 5.80 -0.52
C LEU A 488 8.96 4.33 -0.84
N GLN A 489 7.95 3.60 -0.34
CA GLN A 489 7.66 2.25 -0.79
C GLN A 489 6.27 2.27 -1.40
N VAL A 490 6.12 1.62 -2.56
CA VAL A 490 4.83 1.43 -3.23
C VAL A 490 4.66 -0.05 -3.60
N HIS A 491 4.56 -0.87 -2.56
CA HIS A 491 4.28 -2.30 -2.64
C HIS A 491 5.37 -3.15 -3.25
N ASP A 492 5.69 -2.96 -4.53
CA ASP A 492 6.85 -3.68 -5.12
C ASP A 492 7.89 -2.72 -5.67
N GLU A 493 7.87 -1.48 -5.15
CA GLU A 493 8.68 -0.39 -5.64
C GLU A 493 9.25 0.44 -4.49
N LEU A 494 10.51 0.85 -4.65
CA LEU A 494 11.14 1.86 -3.79
C LEU A 494 11.57 3.08 -4.59
N VAL A 495 11.40 4.24 -3.95
CA VAL A 495 11.89 5.49 -4.48
C VAL A 495 12.92 6.01 -3.46
N LEU A 496 14.12 6.21 -3.97
CA LEU A 496 15.27 6.72 -3.22
C LEU A 496 15.65 8.10 -3.71
N GLU A 497 16.40 8.81 -2.87
CA GLU A 497 17.05 10.07 -3.24
C GLU A 497 18.54 9.87 -3.02
N ALA A 498 19.35 10.17 -4.03
CA ALA A 498 20.82 10.03 -3.94
C ALA A 498 21.52 11.29 -4.43
N PRO A 499 22.63 11.70 -3.76
CA PRO A 499 23.45 12.77 -4.31
C PRO A 499 23.90 12.41 -5.73
N LYS A 500 23.81 13.40 -6.64
CA LYS A 500 24.04 13.17 -8.08
C LYS A 500 25.26 12.32 -8.38
N GLU A 501 26.35 12.61 -7.67
CA GLU A 501 27.62 11.91 -7.91
C GLU A 501 27.58 10.45 -7.52
N ARG A 502 26.70 10.08 -6.60
CA ARG A 502 26.56 8.70 -6.16
C ARG A 502 25.32 7.99 -6.71
N ALA A 503 24.54 8.66 -7.56
CA ALA A 503 23.27 8.12 -8.02
C ALA A 503 23.35 6.77 -8.75
N GLU A 504 24.30 6.65 -9.68
CA GLU A 504 24.45 5.41 -10.46
C GLU A 504 24.91 4.23 -9.58
N ALA A 505 25.90 4.50 -8.73
CA ALA A 505 26.32 3.55 -7.71
C ALA A 505 25.14 3.08 -6.86
N VAL A 506 24.38 4.03 -6.33
CA VAL A 506 23.22 3.72 -5.50
C VAL A 506 22.18 2.87 -6.25
N ALA A 507 21.92 3.19 -7.52
CA ALA A 507 20.96 2.46 -8.33
C ALA A 507 21.40 1.01 -8.52
N ARG A 508 22.68 0.81 -8.86
CA ARG A 508 23.24 -0.53 -9.05
C ARG A 508 23.16 -1.36 -7.78
N LEU A 509 23.47 -0.76 -6.65
CA LEU A 509 23.49 -1.49 -5.38
C LEU A 509 22.10 -1.86 -4.91
N ALA A 510 21.17 -0.91 -4.97
CA ALA A 510 19.77 -1.15 -4.60
C ALA A 510 19.14 -2.23 -5.48
N LYS A 511 19.38 -2.16 -6.78
CA LYS A 511 18.95 -3.22 -7.71
C LYS A 511 19.41 -4.61 -7.27
N GLU A 512 20.70 -4.74 -6.96
CA GLU A 512 21.26 -6.01 -6.50
C GLU A 512 20.66 -6.46 -5.18
N VAL A 513 20.50 -5.55 -4.22
CA VAL A 513 19.94 -5.91 -2.94
C VAL A 513 18.49 -6.41 -3.12
N MET A 514 17.73 -5.73 -3.99
CA MET A 514 16.33 -6.12 -4.24
C MET A 514 16.23 -7.45 -4.99
N GLU A 515 17.06 -7.64 -6.00
CA GLU A 515 17.08 -8.92 -6.74
C GLU A 515 17.54 -10.14 -5.92
N GLY A 516 18.51 -9.95 -5.01
CA GLY A 516 19.05 -11.06 -4.20
C GLY A 516 18.51 -11.20 -2.80
N VAL A 517 17.37 -10.58 -2.48
CA VAL A 517 16.88 -10.54 -1.10
C VAL A 517 16.66 -11.95 -0.50
N TYR A 518 16.09 -12.86 -1.28
CA TYR A 518 15.79 -14.23 -0.81
C TYR A 518 15.61 -15.04 -2.07
N PRO A 519 16.67 -15.68 -2.56
CA PRO A 519 16.59 -16.40 -3.81
C PRO A 519 15.48 -17.44 -3.85
N LEU A 520 14.77 -17.47 -4.97
CA LEU A 520 13.65 -18.36 -5.20
C LEU A 520 14.07 -19.29 -6.33
N ALA A 521 13.11 -20.04 -6.87
CA ALA A 521 13.36 -21.01 -7.91
C ALA A 521 13.28 -20.32 -9.27
N VAL A 522 12.91 -19.04 -9.27
CA VAL A 522 13.01 -18.16 -10.43
C VAL A 522 13.78 -16.91 -10.02
N PRO A 523 14.45 -16.26 -10.98
CA PRO A 523 15.11 -15.01 -10.65
C PRO A 523 14.11 -13.87 -10.45
N LEU A 524 14.39 -13.00 -9.47
CA LEU A 524 13.71 -11.71 -9.41
C LEU A 524 14.47 -10.78 -10.33
N GLU A 525 13.74 -9.91 -11.02
CA GLU A 525 14.32 -8.85 -11.82
C GLU A 525 13.73 -7.55 -11.34
N VAL A 526 14.54 -6.51 -11.38
CA VAL A 526 14.13 -5.21 -10.94
C VAL A 526 14.46 -4.26 -12.07
N GLU A 527 13.44 -3.52 -12.54
CA GLU A 527 13.66 -2.38 -13.41
C GLU A 527 14.02 -1.18 -12.53
N VAL A 528 15.07 -0.48 -12.91
CA VAL A 528 15.50 0.70 -12.17
C VAL A 528 15.65 1.86 -13.14
N GLY A 529 15.37 3.06 -12.68
CA GLY A 529 15.64 4.27 -13.47
C GLY A 529 16.04 5.42 -12.55
N ILE A 530 16.60 6.45 -13.15
CA ILE A 530 17.16 7.58 -12.40
C ILE A 530 16.71 8.87 -13.05
N GLY A 531 16.18 9.83 -12.27
CA GLY A 531 15.80 11.12 -12.85
C GLY A 531 15.44 12.22 -11.86
N GLU A 532 15.20 13.42 -12.39
CA GLU A 532 14.89 14.60 -11.58
C GLU A 532 13.49 14.53 -10.98
N ASP A 533 12.63 13.67 -11.54
CA ASP A 533 11.27 13.53 -11.07
C ASP A 533 10.84 12.07 -11.15
N TRP A 534 9.78 11.76 -10.43
CA TRP A 534 9.31 10.38 -10.26
C TRP A 534 8.91 9.75 -11.61
N LEU A 535 8.27 10.51 -12.49
CA LEU A 535 7.89 9.97 -13.78
C LEU A 535 9.13 9.63 -14.62
N SER A 536 9.99 10.62 -14.81
CA SER A 536 11.23 10.43 -15.57
C SER A 536 12.15 9.35 -14.97
N ALA A 537 12.05 9.11 -13.65
CA ALA A 537 12.77 7.99 -13.02
C ALA A 537 12.22 6.57 -13.29
N LYS A 538 11.14 6.41 -14.06
CA LYS A 538 10.66 5.06 -14.45
C LYS A 538 10.60 4.81 -15.93
N GLU A 539 11.33 5.61 -16.73
CA GLU A 539 11.24 5.56 -18.20
C GLU A 539 12.50 4.97 -18.81
#